data_7A10
#
_entry.id   7A10
#
_cell.length_a   45.230
_cell.length_b   89.806
_cell.length_c   67.005
_cell.angle_alpha   90.000
_cell.angle_beta   103.960
_cell.angle_gamma   90.000
#
_symmetry.space_group_name_H-M   'P 1 21 1'
#
loop_
_entity.id
_entity.type
_entity.pdbx_description
1 polymer 'L,D-transpeptidase 2'
2 non-polymer 4-methoxycyclohexa-2,5-diene-1-thione
3 water water
#
_entity_poly.entity_id   1
_entity_poly.type   'polypeptide(L)'
_entity_poly.pdbx_seq_one_letter_code
;SMAHLTMPYVMPGDGEVVGVGEPVAIRFDENIADRGAAEKAIKITTNPPVEGAFYWLNNREVRWRPEHFWKPGTAVDVAV
NTYGVDLGEGMFGEDNVQTHFTIGDEVIATADDNTKILTVRVNGEVVKSMPTSMGKDSTPTANGIYIVGSRYKHIIMDSS
TYGVPVNSPNGYRTDVDWATQISYSGVFVHSAPWSVGAQGHTNTSHGCLNVSPSNAQWFYDHVKRGDIVEVVNTVGGTLP
GIDGLGDWNIPWDQWRAGNAKA
;
_entity_poly.pdbx_strand_id   A,B
#
loop_
_chem_comp.id
_chem_comp.type
_chem_comp.name
_chem_comp.formula
QU5 non-polymer 4-methoxycyclohexa-2,5-diene-1-thione 'C7 H10 O S'
#
# COMPACT_ATOMS: atom_id res chain seq x y z
N HIS A 4 0.05 -18.24 7.28
CA HIS A 4 1.40 -17.95 7.83
C HIS A 4 2.29 -17.14 6.90
N LEU A 5 1.66 -16.32 6.07
CA LEU A 5 2.35 -15.48 5.09
C LEU A 5 2.07 -14.03 5.41
N THR A 6 3.01 -13.15 5.23
CA THR A 6 2.73 -11.73 5.60
C THR A 6 3.12 -10.88 4.42
N MET A 7 2.26 -9.98 4.02
CA MET A 7 2.61 -9.07 2.96
C MET A 7 3.01 -7.69 3.44
N PRO A 8 4.07 -7.16 2.86
CA PRO A 8 4.52 -5.80 3.16
C PRO A 8 3.86 -4.81 2.21
N TYR A 9 3.81 -3.56 2.65
CA TYR A 9 3.28 -2.47 1.85
C TYR A 9 4.24 -1.33 2.15
N VAL A 10 4.77 -0.70 1.13
CA VAL A 10 5.75 0.35 1.31
C VAL A 10 5.15 1.74 0.89
N MET A 11 5.51 2.78 1.65
CA MET A 11 5.13 4.19 1.40
C MET A 11 6.42 5.01 1.61
N PRO A 12 6.63 6.11 0.84
CA PRO A 12 5.62 6.53 -0.14
C PRO A 12 5.56 5.68 -1.42
N GLY A 13 4.51 5.92 -2.15
CA GLY A 13 4.22 5.24 -3.39
C GLY A 13 5.18 5.50 -4.53
N ASP A 14 5.27 4.54 -5.43
CA ASP A 14 6.19 4.65 -6.51
C ASP A 14 5.88 5.90 -7.38
N GLY A 15 6.92 6.68 -7.67
CA GLY A 15 6.79 7.85 -8.52
C GLY A 15 6.43 9.13 -7.77
N GLU A 16 6.15 9.05 -6.46
CA GLU A 16 5.71 10.27 -5.72
C GLU A 16 6.86 11.21 -5.51
N VAL A 17 6.53 12.48 -5.31
CA VAL A 17 7.47 13.52 -4.95
C VAL A 17 6.95 13.92 -3.55
N VAL A 18 7.81 13.90 -2.55
CA VAL A 18 7.40 14.13 -1.16
C VAL A 18 8.32 15.11 -0.48
N GLY A 19 7.86 15.66 0.63
CA GLY A 19 8.60 16.71 1.34
C GLY A 19 9.70 16.14 2.19
N VAL A 20 10.45 17.06 2.77
CA VAL A 20 11.69 16.74 3.40
C VAL A 20 11.58 15.98 4.70
N GLY A 21 10.39 15.88 5.24
CA GLY A 21 10.17 15.11 6.44
C GLY A 21 9.61 13.70 6.27
N GLU A 22 9.52 13.24 5.03
CA GLU A 22 8.77 11.97 4.77
C GLU A 22 9.66 10.80 5.08
N PRO A 23 9.30 10.00 6.10
CA PRO A 23 10.09 8.80 6.28
C PRO A 23 9.67 7.70 5.27
N VAL A 24 10.53 6.74 4.99
CA VAL A 24 10.05 5.47 4.36
C VAL A 24 9.27 4.68 5.35
N ALA A 25 8.17 4.08 4.93
CA ALA A 25 7.33 3.28 5.79
C ALA A 25 7.06 1.89 5.17
N ILE A 26 7.41 0.83 5.91
CA ILE A 26 7.08 -0.55 5.48
C ILE A 26 6.12 -1.10 6.50
N ARG A 27 4.86 -1.27 6.11
CA ARG A 27 3.84 -1.87 6.91
C ARG A 27 3.58 -3.30 6.52
N PHE A 28 3.41 -4.15 7.50
CA PHE A 28 3.17 -5.57 7.28
C PHE A 28 1.76 -5.88 7.73
N ASP A 29 1.14 -6.92 7.15
CA ASP A 29 -0.21 -7.20 7.59
C ASP A 29 -0.22 -8.13 8.81
N GLU A 30 0.93 -8.44 9.38
CA GLU A 30 0.98 -9.30 10.57
C GLU A 30 2.06 -8.81 11.46
N ASN A 31 1.93 -9.09 12.75
CA ASN A 31 3.01 -8.75 13.69
C ASN A 31 4.31 -9.41 13.26
N ILE A 32 5.42 -8.71 13.35
CA ILE A 32 6.70 -9.24 12.98
C ILE A 32 7.45 -9.59 14.25
N ALA A 33 7.72 -10.88 14.38
CA ALA A 33 8.43 -11.42 15.56
C ALA A 33 9.88 -11.09 15.47
N ASP A 34 10.49 -11.25 14.30
CA ASP A 34 11.91 -11.03 14.14
C ASP A 34 12.15 -9.71 13.37
N ARG A 35 12.13 -8.58 14.07
CA ARG A 35 12.33 -7.29 13.43
C ARG A 35 13.65 -7.23 12.74
N GLY A 36 14.65 -7.89 13.30
CA GLY A 36 15.99 -7.87 12.75
C GLY A 36 16.01 -8.45 11.37
N ALA A 37 15.22 -9.49 11.13
CA ALA A 37 15.17 -10.13 9.82
C ALA A 37 14.49 -9.23 8.79
N ALA A 38 13.42 -8.60 9.24
CA ALA A 38 12.73 -7.62 8.41
C ALA A 38 13.66 -6.50 8.00
N GLU A 39 14.37 -5.92 8.96
CA GLU A 39 15.29 -4.83 8.66
C GLU A 39 16.35 -5.26 7.66
N LYS A 40 16.91 -6.43 7.84
CA LYS A 40 18.03 -6.90 7.00
C LYS A 40 17.56 -7.08 5.54
N ALA A 41 16.30 -7.43 5.37
CA ALA A 41 15.68 -7.62 4.10
C ALA A 41 15.32 -6.35 3.36
N ILE A 42 15.44 -5.18 3.99
CA ILE A 42 15.03 -3.96 3.37
C ILE A 42 16.25 -3.15 3.01
N LYS A 43 16.46 -2.93 1.72
CA LYS A 43 17.58 -2.16 1.25
C LYS A 43 17.10 -0.78 0.80
N ILE A 44 17.67 0.24 1.38
CA ILE A 44 17.41 1.59 0.99
C ILE A 44 18.66 2.25 0.42
N THR A 45 18.53 2.78 -0.77
CA THR A 45 19.63 3.48 -1.46
C THR A 45 19.20 4.91 -1.70
N THR A 46 20.07 5.86 -1.49
CA THR A 46 19.75 7.26 -1.67
C THR A 46 20.83 7.94 -2.51
N ASN A 47 20.42 8.90 -3.29
CA ASN A 47 21.32 9.70 -4.06
C ASN A 47 20.89 11.15 -4.00
N PRO A 48 21.67 12.05 -3.40
CA PRO A 48 22.95 11.70 -2.84
C PRO A 48 22.82 10.83 -1.66
N PRO A 49 23.88 10.07 -1.39
CA PRO A 49 23.88 9.16 -0.25
C PRO A 49 23.77 9.87 1.08
N VAL A 50 22.89 9.37 1.94
CA VAL A 50 22.83 9.85 3.32
C VAL A 50 22.56 8.67 4.22
N GLU A 51 23.11 8.75 5.43
CA GLU A 51 22.86 7.76 6.45
C GLU A 51 21.41 7.85 6.97
N GLY A 52 20.78 6.68 7.14
CA GLY A 52 19.44 6.52 7.73
C GLY A 52 19.39 5.28 8.64
N ALA A 53 18.28 5.06 9.29
CA ALA A 53 18.13 3.94 10.21
C ALA A 53 16.71 3.62 10.45
N PHE A 54 16.45 2.35 10.87
CA PHE A 54 15.10 1.88 11.10
C PHE A 54 14.72 2.06 12.58
N TYR A 55 13.42 2.29 12.79
CA TYR A 55 12.80 2.37 14.11
C TYR A 55 11.36 1.96 13.95
N TRP A 56 10.89 1.08 14.83
CA TRP A 56 9.57 0.54 14.74
C TRP A 56 8.55 1.36 15.52
N LEU A 57 7.44 1.69 14.87
CA LEU A 57 6.39 2.44 15.55
C LEU A 57 5.40 1.54 16.25
N ASN A 58 5.28 0.28 15.80
CA ASN A 58 4.36 -0.68 16.43
C ASN A 58 4.76 -2.02 15.87
N ASN A 59 4.01 -3.09 16.16
CA ASN A 59 4.51 -4.43 15.76
C ASN A 59 4.50 -4.74 14.26
N ARG A 60 3.82 -3.89 13.51
CA ARG A 60 3.54 -4.06 12.10
C ARG A 60 4.16 -3.01 11.16
N GLU A 61 4.75 -1.94 11.68
CA GLU A 61 5.27 -0.90 10.85
C GLU A 61 6.60 -0.39 11.32
N VAL A 62 7.59 -0.38 10.42
CA VAL A 62 8.92 0.11 10.65
C VAL A 62 9.13 1.33 9.76
N ARG A 63 9.94 2.25 10.25
CA ARG A 63 10.22 3.48 9.56
C ARG A 63 11.71 3.66 9.36
N TRP A 64 12.12 4.35 8.28
CA TRP A 64 13.52 4.67 8.06
C TRP A 64 13.64 6.12 7.67
N ARG A 65 14.61 6.80 8.27
CA ARG A 65 14.84 8.18 7.94
C ARG A 65 16.22 8.55 8.34
N PRO A 66 16.70 9.69 7.81
CA PRO A 66 17.93 10.19 8.25
C PRO A 66 17.87 10.98 9.58
N GLU A 67 19.05 11.37 10.05
CA GLU A 67 19.23 12.22 11.20
C GLU A 67 18.52 13.58 11.05
N HIS A 68 18.69 14.18 9.87
CA HIS A 68 18.04 15.46 9.54
C HIS A 68 17.07 15.32 8.39
N PHE A 69 16.21 16.30 8.21
CA PHE A 69 15.27 16.32 7.12
C PHE A 69 16.06 16.06 5.80
N TRP A 70 15.44 15.40 4.85
CA TRP A 70 16.08 15.14 3.57
C TRP A 70 16.51 16.44 2.84
N LYS A 71 17.59 16.32 2.10
CA LYS A 71 17.93 17.35 1.12
C LYS A 71 17.00 17.32 -0.12
N PRO A 72 16.42 18.46 -0.47
CA PRO A 72 15.67 18.52 -1.68
C PRO A 72 16.43 17.99 -2.88
N GLY A 73 15.73 17.16 -3.63
CA GLY A 73 16.29 16.61 -4.85
C GLY A 73 16.72 15.17 -4.71
N THR A 74 16.87 14.68 -3.49
CA THR A 74 17.34 13.35 -3.22
C THR A 74 16.44 12.36 -3.88
N ALA A 75 17.02 11.36 -4.51
CA ALA A 75 16.22 10.27 -5.05
C ALA A 75 16.38 9.05 -4.09
N VAL A 76 15.30 8.36 -3.83
CA VAL A 76 15.29 7.24 -2.86
C VAL A 76 14.75 5.99 -3.49
N ASP A 77 15.51 4.92 -3.32
CA ASP A 77 15.05 3.59 -3.80
C ASP A 77 14.97 2.61 -2.63
N VAL A 78 13.84 1.99 -2.49
CA VAL A 78 13.55 1.01 -1.47
C VAL A 78 13.19 -0.36 -2.07
N ALA A 79 13.94 -1.36 -1.69
CA ALA A 79 13.69 -2.72 -2.10
C ALA A 79 13.40 -3.49 -0.83
N VAL A 80 12.17 -3.93 -0.71
CA VAL A 80 11.73 -4.73 0.41
C VAL A 80 11.82 -6.19 -0.05
N ASN A 81 12.92 -6.83 0.25
CA ASN A 81 13.25 -8.19 -0.28
C ASN A 81 12.88 -9.26 0.69
N THR A 82 11.59 -9.30 0.97
CA THR A 82 11.10 -10.11 2.02
C THR A 82 10.58 -11.47 1.52
N TYR A 83 10.57 -11.73 0.21
CA TYR A 83 9.98 -12.96 -0.34
C TYR A 83 10.65 -14.14 0.33
N GLY A 84 9.86 -14.98 0.98
CA GLY A 84 10.38 -16.20 1.65
C GLY A 84 11.25 -16.00 2.88
N VAL A 85 11.37 -14.77 3.38
CA VAL A 85 12.18 -14.53 4.56
C VAL A 85 11.42 -14.96 5.78
N ASP A 86 12.14 -15.63 6.69
CA ASP A 86 11.55 -16.11 7.94
C ASP A 86 11.51 -14.92 8.85
N LEU A 87 10.32 -14.45 9.15
CA LEU A 87 10.11 -13.28 9.98
C LEU A 87 9.72 -13.67 11.41
N GLY A 88 9.93 -14.93 11.79
CA GLY A 88 9.74 -15.35 13.17
C GLY A 88 8.39 -15.92 13.47
N GLU A 89 8.35 -16.83 14.46
CA GLU A 89 7.11 -17.46 14.85
C GLU A 89 6.42 -18.06 13.65
N GLY A 90 7.20 -18.63 12.74
CA GLY A 90 6.68 -19.33 11.60
C GLY A 90 5.97 -18.47 10.56
N MET A 91 6.32 -17.18 10.45
CA MET A 91 5.69 -16.28 9.46
C MET A 91 6.68 -15.97 8.37
N PHE A 92 6.27 -16.06 7.12
CA PHE A 92 7.20 -15.84 6.02
C PHE A 92 6.72 -14.68 5.14
N GLY A 93 7.68 -13.92 4.62
CA GLY A 93 7.39 -12.84 3.67
C GLY A 93 6.69 -13.41 2.45
N GLU A 94 5.53 -12.86 2.13
CA GLU A 94 4.76 -13.35 1.03
C GLU A 94 5.25 -12.85 -0.32
N ASP A 95 6.06 -11.79 -0.32
CA ASP A 95 6.30 -11.06 -1.54
C ASP A 95 7.41 -10.03 -1.35
N ASN A 96 7.99 -9.60 -2.48
CA ASN A 96 8.91 -8.41 -2.53
C ASN A 96 8.11 -7.20 -2.90
N VAL A 97 8.52 -6.02 -2.46
CA VAL A 97 7.88 -4.78 -2.94
C VAL A 97 8.95 -3.78 -3.08
N GLN A 98 8.64 -2.76 -3.86
CA GLN A 98 9.57 -1.71 -4.10
C GLN A 98 8.93 -0.36 -4.37
N THR A 99 9.74 0.68 -4.20
CA THR A 99 9.32 2.02 -4.53
C THR A 99 10.52 2.86 -4.85
N HIS A 100 10.32 3.88 -5.67
CA HIS A 100 11.32 4.89 -5.97
C HIS A 100 10.56 6.21 -5.81
N PHE A 101 11.18 7.16 -5.15
CA PHE A 101 10.54 8.43 -4.95
C PHE A 101 11.60 9.50 -4.88
N THR A 102 11.16 10.74 -4.92
CA THR A 102 12.10 11.84 -4.85
C THR A 102 11.59 12.87 -3.86
N ILE A 103 12.51 13.66 -3.37
CA ILE A 103 12.23 14.66 -2.37
C ILE A 103 12.09 16.00 -3.12
N GLY A 104 10.98 16.69 -2.90
CA GLY A 104 10.70 17.96 -3.52
C GLY A 104 11.31 19.10 -2.73
N ASP A 105 10.69 20.27 -2.88
CA ASP A 105 11.19 21.46 -2.18
C ASP A 105 10.96 21.36 -0.68
N GLU A 106 11.83 22.01 0.04
CA GLU A 106 11.77 22.16 1.51
C GLU A 106 10.66 23.12 1.90
N VAL A 107 9.64 22.62 2.55
CA VAL A 107 8.53 23.43 2.97
C VAL A 107 8.38 23.13 4.46
N ILE A 108 8.64 24.12 5.29
CA ILE A 108 8.57 23.98 6.71
C ILE A 108 7.73 25.10 7.29
N ALA A 109 6.66 24.75 7.96
CA ALA A 109 5.80 25.74 8.53
C ALA A 109 5.91 25.69 10.02
N THR A 110 6.04 26.85 10.64
CA THR A 110 6.14 26.92 12.10
C THR A 110 4.95 27.67 12.64
N ALA A 111 4.24 27.03 13.57
CA ALA A 111 3.19 27.66 14.36
C ALA A 111 3.71 28.04 15.72
N ASP A 112 3.83 29.37 15.94
CA ASP A 112 4.37 29.88 17.18
C ASP A 112 3.24 30.43 18.06
N ASP A 113 3.03 29.82 19.21
CA ASP A 113 1.95 30.20 20.07
C ASP A 113 2.22 31.56 20.73
N ASN A 114 3.48 31.98 20.78
CA ASN A 114 3.75 33.31 21.31
C ASN A 114 3.31 34.41 20.38
N THR A 115 3.43 34.21 19.07
CA THR A 115 2.91 35.18 18.11
C THR A 115 1.52 34.87 17.59
N LYS A 116 1.12 33.63 17.74
CA LYS A 116 -0.05 33.07 17.12
C LYS A 116 -0.07 33.27 15.61
N ILE A 117 1.07 32.98 15.01
CA ILE A 117 1.26 33.05 13.57
C ILE A 117 1.90 31.74 13.04
N LEU A 118 1.33 31.21 11.97
CA LEU A 118 1.84 30.05 11.27
C LEU A 118 2.57 30.56 10.06
N THR A 119 3.89 30.51 10.05
CA THR A 119 4.67 31.02 8.97
C THR A 119 5.08 29.90 8.08
N VAL A 120 4.96 30.06 6.77
CA VAL A 120 5.45 29.00 5.84
C VAL A 120 6.71 29.40 5.15
N ARG A 121 7.75 28.61 5.33
CA ARG A 121 8.99 28.84 4.60
C ARG A 121 9.23 27.87 3.51
N VAL A 122 9.43 28.39 2.31
CA VAL A 122 9.77 27.51 1.17
C VAL A 122 11.20 27.76 0.85
N ASN A 123 11.97 26.71 0.90
CA ASN A 123 13.39 26.80 0.72
C ASN A 123 13.96 28.02 1.47
N GLY A 124 13.79 28.06 2.79
CA GLY A 124 14.33 29.16 3.59
C GLY A 124 13.51 30.46 3.66
N GLU A 125 12.75 30.83 2.63
CA GLU A 125 12.06 32.13 2.56
C GLU A 125 10.62 32.07 2.99
N VAL A 126 10.18 33.08 3.72
CA VAL A 126 8.83 33.17 4.14
C VAL A 126 7.97 33.46 2.96
N VAL A 127 6.93 32.68 2.72
CA VAL A 127 6.01 32.95 1.62
C VAL A 127 4.63 33.21 2.09
N LYS A 128 4.33 32.93 3.34
CA LYS A 128 3.01 33.12 3.85
C LYS A 128 3.05 33.27 5.37
N SER A 129 2.22 34.11 5.97
CA SER A 129 2.18 34.35 7.42
C SER A 129 0.75 34.37 7.90
N MET A 130 0.24 33.25 8.39
CA MET A 130 -1.15 33.14 8.72
C MET A 130 -1.43 33.21 10.20
N PRO A 131 -2.32 34.12 10.62
CA PRO A 131 -2.83 34.12 11.96
C PRO A 131 -3.41 32.77 12.25
N THR A 132 -3.26 32.29 13.47
CA THR A 132 -3.85 31.04 13.85
C THR A 132 -4.40 31.05 15.25
N SER A 133 -5.29 30.11 15.53
CA SER A 133 -5.86 29.82 16.83
C SER A 133 -5.67 28.37 17.08
N MET A 134 -4.87 28.03 18.10
CA MET A 134 -4.64 26.65 18.42
C MET A 134 -5.48 26.18 19.61
N GLY A 135 -5.08 25.07 20.18
CA GLY A 135 -5.75 24.47 21.32
C GLY A 135 -5.87 25.45 22.45
N LYS A 136 -7.09 25.56 23.01
CA LYS A 136 -7.34 26.38 24.19
C LYS A 136 -6.57 25.79 25.36
N ASP A 137 -6.39 26.58 26.40
CA ASP A 137 -5.53 26.15 27.53
C ASP A 137 -5.91 24.80 28.13
N SER A 138 -7.18 24.44 28.18
CA SER A 138 -7.54 23.20 28.83
C SER A 138 -7.38 22.04 27.85
N THR A 139 -7.29 22.31 26.54
CA THR A 139 -7.04 21.24 25.53
C THR A 139 -5.98 21.76 24.57
N PRO A 140 -4.73 21.88 25.09
CA PRO A 140 -3.76 22.56 24.26
C PRO A 140 -3.20 21.73 23.10
N THR A 141 -2.67 22.41 22.10
CA THR A 141 -1.97 21.72 21.02
C THR A 141 -0.57 21.39 21.48
N ALA A 142 -0.13 20.16 21.21
CA ALA A 142 1.18 19.71 21.63
C ALA A 142 2.25 20.39 20.77
N ASN A 143 3.37 20.72 21.40
CA ASN A 143 4.55 21.18 20.61
C ASN A 143 5.20 20.05 19.94
N GLY A 144 5.93 20.30 18.88
CA GLY A 144 6.77 19.24 18.30
C GLY A 144 6.85 19.35 16.78
N ILE A 145 7.45 18.32 16.14
CA ILE A 145 7.56 18.32 14.71
C ILE A 145 6.52 17.32 14.18
N TYR A 146 5.68 17.82 13.29
CA TYR A 146 4.63 17.07 12.71
C TYR A 146 4.94 16.87 11.22
N ILE A 147 4.68 15.70 10.72
CA ILE A 147 4.77 15.43 9.25
C ILE A 147 3.39 15.55 8.63
N VAL A 148 3.34 16.26 7.50
CA VAL A 148 2.10 16.37 6.78
C VAL A 148 1.67 15.03 6.15
N GLY A 149 0.43 14.63 6.38
CA GLY A 149 -0.15 13.42 5.79
C GLY A 149 -1.17 13.79 4.69
N SER A 150 -2.33 13.18 4.78
CA SER A 150 -3.45 13.39 3.87
C SER A 150 -4.07 14.76 3.90
N ARG A 151 -4.75 15.11 2.81
CA ARG A 151 -5.48 16.39 2.66
C ARG A 151 -6.90 16.10 2.18
N TYR A 152 -7.83 16.89 2.66
CA TYR A 152 -9.24 16.70 2.44
C TYR A 152 -9.85 18.02 2.05
N LYS A 153 -10.62 18.03 0.99
CA LYS A 153 -11.25 19.24 0.59
C LYS A 153 -12.37 19.51 1.60
N HIS A 154 -13.02 18.46 2.05
CA HIS A 154 -14.08 18.56 3.03
C HIS A 154 -14.04 17.29 3.82
N ILE A 155 -14.35 17.36 5.09
CA ILE A 155 -14.32 16.19 5.92
C ILE A 155 -15.21 16.43 7.14
N ILE A 156 -15.84 15.38 7.64
CA ILE A 156 -16.63 15.57 8.85
C ILE A 156 -15.72 15.21 10.00
N MET A 157 -15.29 16.18 10.79
CA MET A 157 -14.37 15.89 11.87
C MET A 157 -15.20 15.37 13.07
N ASP A 158 -14.95 14.15 13.49
CA ASP A 158 -15.70 13.53 14.52
C ASP A 158 -14.78 13.02 15.61
N SER A 159 -14.93 13.51 16.82
CA SER A 159 -14.07 13.07 17.90
C SER A 159 -14.19 11.59 18.25
N SER A 160 -15.30 10.92 17.94
CA SER A 160 -15.40 9.50 18.25
C SER A 160 -14.39 8.69 17.47
N THR A 161 -13.88 9.26 16.35
CA THR A 161 -12.80 8.65 15.62
C THR A 161 -11.61 8.38 16.50
N TYR A 162 -11.37 9.30 17.43
CA TYR A 162 -10.19 9.26 18.24
C TYR A 162 -10.53 8.93 19.72
N GLY A 163 -11.67 8.28 19.95
CA GLY A 163 -12.02 7.76 21.28
C GLY A 163 -12.77 8.71 22.19
N VAL A 164 -13.18 9.87 21.69
CA VAL A 164 -13.89 10.83 22.51
C VAL A 164 -15.30 10.98 22.02
N PRO A 165 -16.27 10.52 22.85
CA PRO A 165 -17.63 10.69 22.40
C PRO A 165 -18.02 12.09 22.05
N VAL A 166 -18.74 12.16 20.96
CA VAL A 166 -19.17 13.49 20.43
C VAL A 166 -19.85 14.34 21.49
N ASN A 167 -20.73 13.73 22.26
CA ASN A 167 -21.47 14.50 23.24
C ASN A 167 -20.87 14.50 24.63
N SER A 168 -19.60 14.13 24.75
CA SER A 168 -18.88 14.22 26.01
C SER A 168 -18.11 15.59 26.06
N PRO A 169 -17.54 15.97 27.21
CA PRO A 169 -17.11 17.37 27.30
C PRO A 169 -16.14 17.93 26.25
N ASN A 170 -15.17 17.15 25.78
CA ASN A 170 -14.27 17.66 24.78
C ASN A 170 -14.60 17.18 23.39
N GLY A 171 -15.85 16.74 23.20
CA GLY A 171 -16.25 16.08 21.98
C GLY A 171 -16.66 17.08 20.95
N TYR A 172 -16.76 16.64 19.70
CA TYR A 172 -17.17 17.44 18.58
C TYR A 172 -17.55 16.64 17.37
N ARG A 173 -18.37 17.22 16.50
CA ARG A 173 -18.66 16.65 15.20
C ARG A 173 -19.02 17.77 14.27
N THR A 174 -18.18 18.07 13.30
CA THR A 174 -18.30 19.28 12.53
C THR A 174 -17.81 19.06 11.11
N ASP A 175 -18.49 19.68 10.15
CA ASP A 175 -18.02 19.68 8.78
C ASP A 175 -16.92 20.68 8.70
N VAL A 176 -15.82 20.30 8.08
CA VAL A 176 -14.66 21.17 7.98
C VAL A 176 -14.13 21.14 6.55
N ASP A 177 -13.66 22.29 6.09
CA ASP A 177 -13.10 22.43 4.73
C ASP A 177 -11.62 22.57 4.79
N TRP A 178 -10.96 22.16 3.71
CA TRP A 178 -9.56 22.43 3.44
C TRP A 178 -8.68 21.97 4.62
N ALA A 179 -8.79 20.68 4.94
CA ALA A 179 -8.09 20.08 6.06
C ALA A 179 -6.84 19.37 5.67
N THR A 180 -5.72 19.74 6.29
CA THR A 180 -4.47 19.04 6.06
C THR A 180 -4.06 18.31 7.36
N GLN A 181 -4.01 16.98 7.31
CA GLN A 181 -3.66 16.19 8.43
C GLN A 181 -2.19 16.30 8.79
N ILE A 182 -1.91 16.51 10.07
CA ILE A 182 -0.50 16.53 10.56
C ILE A 182 -0.19 15.59 11.71
N SER A 183 -1.18 14.92 12.31
CA SER A 183 -0.95 13.75 13.23
C SER A 183 -2.04 12.70 13.04
N TYR A 184 -1.70 11.47 13.33
CA TYR A 184 -2.72 10.39 13.36
C TYR A 184 -3.67 10.55 14.55
N SER A 185 -3.25 11.29 15.56
CA SER A 185 -4.06 11.57 16.70
C SER A 185 -5.16 12.61 16.35
N GLY A 186 -5.20 13.13 15.12
CA GLY A 186 -6.32 13.98 14.70
C GLY A 186 -6.03 15.49 14.71
N VAL A 187 -4.76 15.91 14.72
CA VAL A 187 -4.47 17.34 14.53
C VAL A 187 -4.43 17.68 12.98
N PHE A 188 -5.11 18.73 12.61
CA PHE A 188 -5.13 19.23 11.24
C PHE A 188 -4.94 20.74 11.25
N VAL A 189 -4.45 21.27 10.12
CA VAL A 189 -4.50 22.67 9.82
C VAL A 189 -5.74 22.74 8.92
N HIS A 190 -6.68 23.61 9.23
CA HIS A 190 -7.95 23.59 8.52
C HIS A 190 -8.67 24.95 8.53
N SER A 191 -9.69 25.02 7.70
CA SER A 191 -10.44 26.27 7.55
C SER A 191 -11.30 26.46 8.79
N ALA A 192 -11.22 27.64 9.41
CA ALA A 192 -11.98 27.85 10.64
C ALA A 192 -12.64 29.22 10.49
N PRO A 193 -13.73 29.26 9.71
CA PRO A 193 -14.36 30.55 9.44
C PRO A 193 -14.95 31.22 10.70
N TRP A 194 -15.26 30.42 11.70
CA TRP A 194 -15.83 30.98 12.94
CA TRP A 194 -15.83 30.85 12.99
C TRP A 194 -14.88 31.77 13.82
N SER A 195 -13.62 31.36 13.85
CA SER A 195 -12.66 32.01 14.71
C SER A 195 -11.73 32.98 14.03
N VAL A 196 -12.09 33.55 12.88
CA VAL A 196 -11.17 34.44 12.23
C VAL A 196 -10.89 35.70 13.08
N GLY A 197 -11.75 36.02 14.05
CA GLY A 197 -11.45 37.14 14.92
C GLY A 197 -10.44 36.74 16.01
N ALA A 198 -10.55 35.51 16.51
CA ALA A 198 -9.61 34.98 17.51
C ALA A 198 -8.24 34.57 16.99
N GLN A 199 -8.20 34.13 15.72
CA GLN A 199 -6.95 33.80 15.07
C GLN A 199 -5.95 34.95 15.15
N GLY A 200 -4.78 34.64 15.71
CA GLY A 200 -3.73 35.62 15.92
C GLY A 200 -3.82 36.24 17.32
N HIS A 201 -4.80 35.85 18.09
CA HIS A 201 -5.07 36.50 19.40
C HIS A 201 -5.28 35.50 20.49
N THR A 202 -6.19 34.58 20.28
CA THR A 202 -6.63 33.71 21.32
C THR A 202 -6.72 32.29 20.80
N ASN A 203 -6.35 31.33 21.64
CA ASN A 203 -6.50 29.93 21.31
C ASN A 203 -7.89 29.51 21.76
N THR A 204 -8.63 28.87 20.84
CA THR A 204 -10.01 28.42 21.14
C THR A 204 -10.30 27.02 20.71
N SER A 205 -9.36 26.30 20.09
CA SER A 205 -9.72 25.02 19.47
C SER A 205 -9.64 23.83 20.40
N HIS A 206 -10.02 22.69 19.89
CA HIS A 206 -9.84 21.44 20.59
C HIS A 206 -8.45 20.92 20.46
N GLY A 207 -7.60 21.59 19.63
CA GLY A 207 -6.23 21.15 19.45
C GLY A 207 -5.72 21.32 18.05
N CYS A 208 -6.63 21.42 17.10
CA CYS A 208 -6.22 21.79 15.75
C CYS A 208 -5.77 23.21 15.54
N LEU A 209 -5.09 23.43 14.42
CA LEU A 209 -4.64 24.73 14.02
C LEU A 209 -5.71 25.37 13.10
N ASN A 210 -6.53 26.24 13.68
CA ASN A 210 -7.53 27.03 12.97
C ASN A 210 -6.84 28.16 12.22
N VAL A 211 -7.05 28.24 10.91
CA VAL A 211 -6.64 29.36 10.11
C VAL A 211 -7.84 29.86 9.27
N SER A 212 -7.64 30.95 8.52
CA SER A 212 -8.73 31.47 7.66
C SER A 212 -9.08 30.54 6.52
N PRO A 213 -10.35 30.61 6.05
CA PRO A 213 -10.69 29.77 4.92
C PRO A 213 -9.76 29.91 3.78
N SER A 214 -9.35 31.12 3.43
CA SER A 214 -8.46 31.23 2.31
C SER A 214 -7.03 30.76 2.64
N ASN A 215 -6.54 31.01 3.85
CA ASN A 215 -5.27 30.42 4.23
C ASN A 215 -5.29 28.86 4.26
N ALA A 216 -6.35 28.31 4.70
CA ALA A 216 -6.50 26.84 4.71
C ALA A 216 -6.54 26.25 3.32
N GLN A 217 -7.13 26.95 2.36
CA GLN A 217 -7.07 26.51 1.02
C GLN A 217 -5.69 26.64 0.46
N TRP A 218 -5.04 27.74 0.70
CA TRP A 218 -3.66 27.87 0.25
C TRP A 218 -2.82 26.73 0.84
N PHE A 219 -2.97 26.46 2.14
CA PHE A 219 -2.14 25.43 2.78
C PHE A 219 -2.38 24.03 2.13
N TYR A 220 -3.66 23.72 1.90
CA TYR A 220 -4.07 22.53 1.16
C TYR A 220 -3.40 22.44 -0.21
N ASP A 221 -3.40 23.55 -0.93
CA ASP A 221 -2.88 23.58 -2.28
C ASP A 221 -1.38 23.54 -2.37
N HIS A 222 -0.66 23.98 -1.34
CA HIS A 222 0.79 24.15 -1.47
C HIS A 222 1.64 23.26 -0.60
N VAL A 223 0.99 22.41 0.17
CA VAL A 223 1.67 21.47 1.01
C VAL A 223 1.40 20.13 0.39
N LYS A 224 2.35 19.27 0.61
CA LYS A 224 2.32 17.93 0.09
C LYS A 224 2.74 17.03 1.28
N ARG A 225 2.46 15.76 1.08
CA ARG A 225 2.85 14.72 1.96
C ARG A 225 4.30 14.86 2.27
N GLY A 226 4.65 14.76 3.55
CA GLY A 226 6.07 14.83 3.94
C GLY A 226 6.61 16.23 4.25
N ASP A 227 5.89 17.27 3.88
CA ASP A 227 6.26 18.62 4.35
C ASP A 227 6.17 18.63 5.91
N ILE A 228 6.73 19.65 6.55
CA ILE A 228 6.81 19.74 7.99
C ILE A 228 6.01 20.90 8.57
N VAL A 229 5.36 20.65 9.70
CA VAL A 229 4.80 21.72 10.53
C VAL A 229 5.42 21.55 11.91
N GLU A 230 5.98 22.64 12.45
CA GLU A 230 6.56 22.56 13.81
C GLU A 230 5.71 23.47 14.66
N VAL A 231 5.26 22.98 15.80
CA VAL A 231 4.54 23.79 16.72
C VAL A 231 5.48 24.07 17.84
N VAL A 232 5.53 25.33 18.22
CA VAL A 232 6.41 25.76 19.26
C VAL A 232 5.68 26.73 20.22
N ASN A 233 6.11 26.68 21.48
CA ASN A 233 5.75 27.59 22.55
C ASN A 233 4.34 27.44 23.12
N THR A 234 3.63 26.35 22.80
CA THR A 234 2.36 26.12 23.42
C THR A 234 2.56 25.72 24.85
N VAL A 235 1.43 25.71 25.59
CA VAL A 235 1.37 25.21 26.96
C VAL A 235 1.10 23.70 26.99
N GLY A 236 1.14 23.03 25.82
CA GLY A 236 0.88 21.59 25.81
C GLY A 236 2.09 20.70 26.00
N GLY A 237 1.87 19.42 25.72
CA GLY A 237 2.88 18.45 25.82
C GLY A 237 3.68 18.37 24.50
N THR A 238 4.16 17.18 24.18
CA THR A 238 5.00 16.96 22.98
C THR A 238 4.40 15.84 22.22
N LEU A 239 4.23 16.04 20.91
CA LEU A 239 3.71 14.99 20.07
C LEU A 239 4.49 13.70 20.21
N PRO A 240 3.79 12.58 20.45
CA PRO A 240 4.53 11.32 20.55
C PRO A 240 5.28 10.94 19.30
N GLY A 241 6.51 10.47 19.44
CA GLY A 241 7.30 9.94 18.40
C GLY A 241 6.67 8.80 17.65
N ILE A 242 5.78 8.07 18.29
CA ILE A 242 5.10 6.92 17.62
C ILE A 242 3.69 7.20 17.16
N ASP A 243 3.37 8.49 17.08
CA ASP A 243 2.08 8.90 16.56
C ASP A 243 1.73 8.31 15.23
N GLY A 244 2.67 8.23 14.30
CA GLY A 244 2.33 7.91 12.92
C GLY A 244 2.88 9.00 12.04
N LEU A 245 2.84 10.23 12.54
CA LEU A 245 3.47 11.35 11.85
C LEU A 245 4.39 12.14 12.79
N GLY A 246 4.79 11.52 13.93
CA GLY A 246 5.60 12.22 14.93
C GLY A 246 7.04 11.75 14.97
N ASP A 247 7.48 11.07 13.93
CA ASP A 247 8.78 10.34 13.93
C ASP A 247 9.90 11.24 14.33
N TRP A 248 9.87 12.51 13.90
CA TRP A 248 11.03 13.37 14.13
C TRP A 248 11.22 13.85 15.57
N ASN A 249 10.22 13.66 16.40
CA ASN A 249 10.39 14.02 17.83
C ASN A 249 11.22 13.01 18.64
N ILE A 250 11.50 11.82 18.08
CA ILE A 250 12.45 10.91 18.66
C ILE A 250 13.83 11.39 18.28
N PRO A 251 14.70 11.69 19.30
CA PRO A 251 16.05 12.20 18.89
C PRO A 251 16.83 11.14 18.10
N TRP A 252 17.69 11.60 17.18
CA TRP A 252 18.47 10.75 16.34
C TRP A 252 19.22 9.69 17.13
N ASP A 253 19.88 10.08 18.24
CA ASP A 253 20.58 9.03 19.01
C ASP A 253 19.69 7.85 19.37
N GLN A 254 18.48 8.12 19.78
CA GLN A 254 17.59 7.03 20.11
C GLN A 254 17.00 6.32 18.87
N TRP A 255 16.72 7.07 17.83
CA TRP A 255 16.15 6.49 16.63
C TRP A 255 17.17 5.52 15.99
N ARG A 256 18.40 6.01 15.79
CA ARG A 256 19.51 5.23 15.29
C ARG A 256 19.71 3.89 16.03
N ALA A 257 19.63 3.93 17.35
CA ALA A 257 19.84 2.75 18.11
C ALA A 257 18.75 1.77 17.79
N GLY A 258 17.56 2.26 17.48
CA GLY A 258 16.48 1.39 17.08
C GLY A 258 15.83 0.60 18.17
N ASN A 259 14.98 -0.32 17.79
CA ASN A 259 14.23 -1.13 18.74
C ASN A 259 13.97 -2.51 18.10
N ALA A 260 14.97 -3.01 17.39
CA ALA A 260 14.84 -4.25 16.63
C ALA A 260 14.72 -5.48 17.48
N LYS A 261 15.13 -5.41 18.74
CA LYS A 261 15.01 -6.57 19.63
C LYS A 261 13.82 -6.49 20.52
N ALA A 262 13.04 -5.42 20.45
CA ALA A 262 11.73 -5.43 21.10
C ALA A 262 10.67 -5.98 20.13
N HIS B 4 -9.46 -0.06 17.04
CA HIS B 4 -10.65 0.83 16.83
C HIS B 4 -10.52 1.76 15.62
N LEU B 5 -9.30 1.91 15.13
CA LEU B 5 -9.07 2.56 13.87
C LEU B 5 -8.53 1.54 12.85
N THR B 6 -8.80 1.76 11.56
CA THR B 6 -8.28 0.83 10.57
C THR B 6 -7.84 1.55 9.33
N MET B 7 -6.61 1.25 8.89
CA MET B 7 -6.04 1.87 7.68
C MET B 7 -6.28 1.01 6.41
N PRO B 8 -6.92 1.56 5.36
CA PRO B 8 -6.94 0.81 4.14
C PRO B 8 -5.75 1.13 3.20
N TYR B 9 -5.38 0.12 2.41
CA TYR B 9 -4.37 0.26 1.34
C TYR B 9 -4.97 -0.28 0.02
N VAL B 10 -4.98 0.55 -1.00
CA VAL B 10 -5.56 0.17 -2.29
C VAL B 10 -4.47 -0.26 -3.27
N MET B 11 -4.76 -1.31 -4.03
N MET B 11 -4.77 -1.30 -4.04
CA MET B 11 -3.94 -1.71 -5.18
CA MET B 11 -3.97 -1.66 -5.20
C MET B 11 -4.81 -1.85 -6.42
C MET B 11 -4.84 -1.82 -6.42
N PRO B 12 -4.28 -1.55 -7.60
CA PRO B 12 -2.90 -1.13 -7.93
C PRO B 12 -2.58 0.29 -7.49
N GLY B 13 -1.26 0.57 -7.39
CA GLY B 13 -0.74 1.89 -7.01
C GLY B 13 -1.17 3.01 -7.93
N ASP B 14 -1.19 4.22 -7.39
CA ASP B 14 -1.52 5.38 -8.18
C ASP B 14 -0.63 5.46 -9.42
N GLY B 15 -1.21 5.74 -10.57
CA GLY B 15 -0.47 5.93 -11.80
C GLY B 15 0.01 4.64 -12.49
N GLU B 16 -0.29 3.48 -11.97
CA GLU B 16 0.20 2.24 -12.59
C GLU B 16 -0.54 1.97 -13.88
N VAL B 17 0.09 1.16 -14.73
CA VAL B 17 -0.53 0.58 -15.86
C VAL B 17 -0.54 -0.93 -15.63
N VAL B 18 -1.70 -1.55 -15.67
CA VAL B 18 -1.78 -2.94 -15.32
C VAL B 18 -2.55 -3.72 -16.39
N GLY B 19 -2.46 -5.05 -16.34
CA GLY B 19 -3.10 -5.87 -17.32
C GLY B 19 -4.58 -5.98 -17.22
N VAL B 20 -5.16 -6.62 -18.21
CA VAL B 20 -6.64 -6.69 -18.30
C VAL B 20 -7.30 -7.56 -17.28
N GLY B 21 -6.53 -8.31 -16.53
CA GLY B 21 -7.08 -9.14 -15.46
C GLY B 21 -6.95 -8.57 -14.08
N GLU B 22 -6.50 -7.32 -13.94
CA GLU B 22 -6.13 -6.85 -12.62
C GLU B 22 -7.38 -6.41 -11.88
N PRO B 23 -7.70 -7.07 -10.74
CA PRO B 23 -8.85 -6.52 -9.98
C PRO B 23 -8.41 -5.30 -9.15
N VAL B 24 -9.37 -4.53 -8.72
CA VAL B 24 -9.10 -3.55 -7.66
C VAL B 24 -9.09 -4.33 -6.35
N ALA B 25 -8.12 -4.05 -5.50
CA ALA B 25 -8.03 -4.69 -4.21
C ALA B 25 -7.98 -3.62 -3.12
N ILE B 26 -8.89 -3.68 -2.16
CA ILE B 26 -8.85 -2.76 -1.01
C ILE B 26 -8.56 -3.61 0.21
N ARG B 27 -7.38 -3.40 0.77
CA ARG B 27 -6.94 -4.15 1.91
C ARG B 27 -6.95 -3.31 3.18
N PHE B 28 -7.54 -3.86 4.24
CA PHE B 28 -7.74 -3.18 5.53
C PHE B 28 -6.81 -3.82 6.50
N ASP B 29 -6.22 -3.03 7.40
CA ASP B 29 -5.30 -3.63 8.37
C ASP B 29 -5.97 -4.20 9.63
N GLU B 30 -7.31 -4.34 9.63
CA GLU B 30 -8.02 -4.96 10.72
C GLU B 30 -9.19 -5.67 10.09
N ASN B 31 -9.71 -6.74 10.70
CA ASN B 31 -10.96 -7.38 10.18
C ASN B 31 -12.12 -6.40 10.11
N ILE B 32 -13.01 -6.63 9.15
CA ILE B 32 -14.10 -5.74 8.84
C ILE B 32 -15.40 -6.41 9.20
N ALA B 33 -16.12 -5.83 10.17
CA ALA B 33 -17.37 -6.48 10.64
C ALA B 33 -18.51 -6.17 9.72
N ASP B 34 -18.62 -4.94 9.30
CA ASP B 34 -19.65 -4.56 8.43
C ASP B 34 -19.04 -4.48 7.06
N ARG B 35 -18.97 -5.62 6.40
CA ARG B 35 -18.51 -5.66 5.00
C ARG B 35 -19.29 -4.74 4.15
N GLY B 36 -20.60 -4.77 4.36
CA GLY B 36 -21.48 -3.89 3.61
C GLY B 36 -21.12 -2.41 3.74
N ALA B 37 -20.62 -2.02 4.91
CA ALA B 37 -20.32 -0.57 5.11
C ALA B 37 -19.04 -0.18 4.36
N ALA B 38 -18.05 -1.05 4.45
CA ALA B 38 -16.83 -0.91 3.64
C ALA B 38 -17.16 -0.78 2.19
N GLU B 39 -18.00 -1.68 1.69
CA GLU B 39 -18.36 -1.65 0.27
C GLU B 39 -18.99 -0.35 -0.06
N LYS B 40 -19.87 0.11 0.83
CA LYS B 40 -20.60 1.34 0.56
C LYS B 40 -19.67 2.55 0.46
N ALA B 41 -18.61 2.52 1.24
CA ALA B 41 -17.68 3.62 1.27
C ALA B 41 -16.63 3.64 0.12
N ILE B 42 -16.73 2.72 -0.85
CA ILE B 42 -15.71 2.65 -1.90
C ILE B 42 -16.38 2.94 -3.19
N LYS B 43 -15.94 3.98 -3.87
CA LYS B 43 -16.55 4.42 -5.12
C LYS B 43 -15.52 4.27 -6.26
N ILE B 44 -15.92 3.54 -7.28
CA ILE B 44 -15.06 3.25 -8.38
C ILE B 44 -15.75 3.77 -9.61
N THR B 45 -14.99 4.46 -10.43
CA THR B 45 -15.48 5.05 -11.63
C THR B 45 -14.60 4.49 -12.70
N THR B 46 -15.10 4.33 -13.91
CA THR B 46 -14.31 3.81 -15.00
C THR B 46 -14.64 4.54 -16.27
N ASN B 47 -13.67 4.66 -17.15
CA ASN B 47 -13.89 5.28 -18.41
C ASN B 47 -13.07 4.56 -19.51
N PRO B 48 -13.74 3.93 -20.47
CA PRO B 48 -15.19 3.83 -20.50
C PRO B 48 -15.85 3.12 -19.33
N PRO B 49 -17.09 3.56 -18.97
CA PRO B 49 -17.75 2.91 -17.83
C PRO B 49 -18.15 1.46 -18.14
N VAL B 50 -17.94 0.62 -17.15
CA VAL B 50 -18.22 -0.77 -17.22
C VAL B 50 -18.74 -1.14 -15.84
N GLU B 51 -19.67 -2.07 -15.75
CA GLU B 51 -20.19 -2.50 -14.46
C GLU B 51 -19.17 -3.44 -13.78
N GLY B 52 -19.13 -3.38 -12.45
CA GLY B 52 -18.28 -4.22 -11.64
C GLY B 52 -18.90 -4.47 -10.29
N ALA B 53 -18.30 -5.35 -9.51
CA ALA B 53 -18.80 -5.70 -8.20
C ALA B 53 -17.73 -6.17 -7.25
N PHE B 54 -18.07 -6.15 -5.95
CA PHE B 54 -17.24 -6.57 -4.87
C PHE B 54 -17.41 -8.00 -4.50
N TYR B 55 -16.30 -8.65 -4.12
CA TYR B 55 -16.29 -9.99 -3.55
C TYR B 55 -15.14 -10.07 -2.59
N TRP B 56 -15.37 -10.62 -1.40
CA TRP B 56 -14.32 -10.60 -0.34
C TRP B 56 -13.44 -11.82 -0.41
N LEU B 57 -12.11 -11.63 -0.42
CA LEU B 57 -11.23 -12.80 -0.45
C LEU B 57 -11.00 -13.34 0.92
N ASN B 58 -11.00 -12.44 1.93
CA ASN B 58 -10.87 -12.81 3.30
C ASN B 58 -11.51 -11.69 4.18
N ASN B 59 -11.26 -11.67 5.51
CA ASN B 59 -11.92 -10.71 6.34
C ASN B 59 -11.37 -9.29 6.15
N ARG B 60 -10.20 -9.21 5.52
CA ARG B 60 -9.48 -7.98 5.42
C ARG B 60 -9.39 -7.38 4.05
N GLU B 61 -9.81 -8.12 3.01
CA GLU B 61 -9.57 -7.65 1.62
C GLU B 61 -10.73 -7.90 0.77
N VAL B 62 -11.13 -6.88 0.06
CA VAL B 62 -12.22 -6.98 -0.83
C VAL B 62 -11.68 -6.66 -2.22
N ARG B 63 -12.21 -7.36 -3.21
CA ARG B 63 -11.78 -7.18 -4.59
C ARG B 63 -12.90 -6.65 -5.38
N TRP B 64 -12.61 -5.97 -6.48
CA TRP B 64 -13.68 -5.47 -7.32
C TRP B 64 -13.21 -5.69 -8.74
N ARG B 65 -14.14 -6.15 -9.59
CA ARG B 65 -13.84 -6.36 -10.99
C ARG B 65 -15.05 -6.41 -11.87
N PRO B 66 -14.89 -6.20 -13.18
CA PRO B 66 -16.02 -6.42 -14.06
C PRO B 66 -16.30 -7.90 -14.37
N GLU B 67 -17.29 -8.11 -15.23
CA GLU B 67 -17.68 -9.43 -15.67
C GLU B 67 -16.63 -10.07 -16.56
N HIS B 68 -16.09 -9.26 -17.46
CA HIS B 68 -15.05 -9.66 -18.39
C HIS B 68 -13.77 -8.96 -18.10
N PHE B 69 -12.69 -9.46 -18.67
CA PHE B 69 -11.44 -8.76 -18.54
C PHE B 69 -11.62 -7.30 -18.95
N TRP B 70 -10.84 -6.40 -18.35
CA TRP B 70 -10.90 -4.98 -18.75
C TRP B 70 -10.57 -4.71 -20.22
N LYS B 71 -11.20 -3.69 -20.79
CA LYS B 71 -10.77 -3.19 -22.09
C LYS B 71 -9.51 -2.34 -21.98
N PRO B 72 -8.54 -2.56 -22.85
CA PRO B 72 -7.33 -1.80 -22.78
C PRO B 72 -7.54 -0.32 -22.85
N GLY B 73 -6.84 0.47 -22.08
CA GLY B 73 -6.99 1.91 -22.19
C GLY B 73 -7.97 2.48 -21.20
N THR B 74 -8.76 1.64 -20.54
CA THR B 74 -9.71 2.06 -19.54
C THR B 74 -8.99 2.76 -18.42
N ALA B 75 -9.54 3.89 -17.97
CA ALA B 75 -9.03 4.62 -16.84
C ALA B 75 -9.91 4.31 -15.68
N VAL B 76 -9.30 4.09 -14.54
CA VAL B 76 -10.02 3.68 -13.37
C VAL B 76 -9.63 4.58 -12.20
N ASP B 77 -10.63 5.07 -11.49
CA ASP B 77 -10.48 5.94 -10.30
C ASP B 77 -11.10 5.25 -9.15
N VAL B 78 -10.32 5.00 -8.11
CA VAL B 78 -10.83 4.35 -6.92
C VAL B 78 -10.76 5.36 -5.76
N ALA B 79 -11.90 5.68 -5.21
CA ALA B 79 -12.00 6.65 -4.12
C ALA B 79 -12.47 5.85 -2.92
N VAL B 80 -11.54 5.44 -2.06
CA VAL B 80 -11.88 4.70 -0.87
C VAL B 80 -12.14 5.76 0.25
N ASN B 81 -13.36 6.23 0.28
CA ASN B 81 -13.80 7.27 1.18
C ASN B 81 -14.20 6.70 2.56
N THR B 82 -13.25 6.13 3.29
CA THR B 82 -13.51 5.49 4.57
C THR B 82 -13.13 6.37 5.80
N TYR B 83 -12.70 7.61 5.59
CA TYR B 83 -12.30 8.45 6.76
C TYR B 83 -13.50 8.55 7.65
N GLY B 84 -13.34 8.15 8.92
CA GLY B 84 -14.40 8.26 9.93
C GLY B 84 -15.68 7.48 9.68
N VAL B 85 -15.59 6.45 8.84
CA VAL B 85 -16.74 5.58 8.61
C VAL B 85 -16.73 4.46 9.65
N ASP B 86 -17.92 4.09 10.13
CA ASP B 86 -18.02 3.00 11.10
C ASP B 86 -18.05 1.74 10.27
N LEU B 87 -17.07 0.88 10.48
CA LEU B 87 -16.96 -0.35 9.72
C LEU B 87 -17.26 -1.52 10.58
N GLY B 88 -17.93 -1.29 11.69
CA GLY B 88 -18.36 -2.36 12.55
C GLY B 88 -17.63 -2.46 13.86
N GLU B 89 -18.44 -2.60 14.90
CA GLU B 89 -17.94 -2.81 16.23
C GLU B 89 -16.96 -1.72 16.63
N GLY B 90 -17.40 -0.49 16.35
CA GLY B 90 -16.62 0.72 16.67
C GLY B 90 -15.23 0.84 16.07
N MET B 91 -15.02 0.17 14.95
CA MET B 91 -13.76 0.21 14.24
C MET B 91 -13.99 1.32 13.23
N PHE B 92 -13.15 2.36 13.20
CA PHE B 92 -13.44 3.47 12.28
C PHE B 92 -12.48 3.60 11.09
N GLY B 93 -13.03 4.02 9.94
CA GLY B 93 -12.21 4.31 8.79
C GLY B 93 -11.32 5.46 9.26
N GLU B 94 -10.03 5.17 9.30
CA GLU B 94 -9.00 6.09 9.77
C GLU B 94 -8.61 7.14 8.74
N ASP B 95 -8.62 6.75 7.46
CA ASP B 95 -8.14 7.59 6.37
C ASP B 95 -8.97 7.42 5.10
N ASN B 96 -8.76 8.31 4.14
CA ASN B 96 -9.23 8.07 2.79
C ASN B 96 -8.03 7.64 1.98
N VAL B 97 -8.24 6.84 0.94
CA VAL B 97 -7.13 6.54 0.03
C VAL B 97 -7.69 6.65 -1.32
N GLN B 98 -6.82 6.85 -2.30
CA GLN B 98 -7.27 7.01 -3.66
C GLN B 98 -6.25 6.43 -4.61
N THR B 99 -6.71 5.99 -5.77
CA THR B 99 -5.77 5.61 -6.84
C THR B 99 -6.43 5.92 -8.15
N HIS B 100 -5.58 6.24 -9.11
CA HIS B 100 -5.99 6.29 -10.51
C HIS B 100 -5.07 5.42 -11.34
N PHE B 101 -5.61 4.46 -12.10
CA PHE B 101 -4.73 3.60 -12.88
C PHE B 101 -5.27 3.36 -14.23
N THR B 102 -4.41 2.80 -15.08
CA THR B 102 -4.84 2.55 -16.42
C THR B 102 -4.62 1.10 -16.81
N ILE B 103 -5.51 0.61 -17.65
CA ILE B 103 -5.36 -0.76 -18.17
C ILE B 103 -4.55 -0.72 -19.45
N GLY B 104 -3.54 -1.57 -19.55
CA GLY B 104 -2.72 -1.60 -20.73
C GLY B 104 -3.16 -2.57 -21.75
N ASP B 105 -2.23 -3.00 -22.57
CA ASP B 105 -2.54 -3.91 -23.67
C ASP B 105 -3.08 -5.23 -23.12
N GLU B 106 -3.81 -5.95 -23.96
CA GLU B 106 -4.32 -7.26 -23.58
C GLU B 106 -3.28 -8.26 -23.83
N VAL B 107 -2.75 -8.87 -22.77
CA VAL B 107 -1.75 -9.86 -22.85
C VAL B 107 -2.33 -11.13 -22.17
N ILE B 108 -2.57 -12.16 -22.92
CA ILE B 108 -3.16 -13.38 -22.46
C ILE B 108 -2.29 -14.53 -22.92
N ALA B 109 -1.72 -15.29 -22.00
CA ALA B 109 -0.89 -16.41 -22.32
C ALA B 109 -1.63 -17.69 -22.00
N THR B 110 -1.64 -18.64 -22.91
CA THR B 110 -2.40 -19.85 -22.71
C THR B 110 -1.48 -21.04 -22.73
N ALA B 111 -1.49 -21.78 -21.63
CA ALA B 111 -0.70 -23.02 -21.45
C ALA B 111 -1.63 -24.20 -21.69
N ASP B 112 -1.48 -24.85 -22.82
CA ASP B 112 -2.33 -25.94 -23.23
C ASP B 112 -1.58 -27.28 -23.02
N ASP B 113 -2.07 -28.09 -22.11
CA ASP B 113 -1.41 -29.35 -21.80
C ASP B 113 -1.46 -30.38 -22.90
N ASN B 114 -2.35 -30.22 -23.87
CA ASN B 114 -2.45 -31.14 -24.93
C ASN B 114 -1.31 -30.84 -25.90
N THR B 115 -0.90 -29.60 -26.03
CA THR B 115 0.28 -29.30 -26.95
C THR B 115 1.58 -29.08 -26.19
N LYS B 116 1.48 -28.86 -24.88
CA LYS B 116 2.61 -28.47 -24.03
C LYS B 116 3.30 -27.22 -24.57
N ILE B 117 2.50 -26.30 -25.04
CA ILE B 117 3.01 -25.00 -25.45
C ILE B 117 2.26 -23.92 -24.67
N LEU B 118 3.00 -22.93 -24.24
CA LEU B 118 2.49 -21.70 -23.69
C LEU B 118 2.59 -20.63 -24.77
N THR B 119 1.45 -20.16 -25.26
CA THR B 119 1.38 -19.20 -26.33
C THR B 119 1.01 -17.83 -25.75
N VAL B 120 1.80 -16.81 -26.01
CA VAL B 120 1.48 -15.47 -25.51
C VAL B 120 0.88 -14.63 -26.62
N ARG B 121 -0.38 -14.17 -26.42
CA ARG B 121 -1.00 -13.27 -27.33
C ARG B 121 -1.05 -11.82 -26.84
N VAL B 122 -0.74 -10.86 -27.70
CA VAL B 122 -0.82 -9.45 -27.32
C VAL B 122 -1.85 -8.85 -28.24
N ASN B 123 -2.93 -8.33 -27.70
CA ASN B 123 -4.01 -7.81 -28.54
C ASN B 123 -4.47 -8.75 -29.64
N GLY B 124 -4.59 -10.01 -29.29
CA GLY B 124 -5.08 -11.01 -30.23
C GLY B 124 -3.99 -11.68 -31.11
N GLU B 125 -2.79 -11.13 -31.16
CA GLU B 125 -1.77 -11.63 -32.01
C GLU B 125 -0.71 -12.44 -31.23
N VAL B 126 -0.34 -13.61 -31.75
CA VAL B 126 0.67 -14.43 -31.17
C VAL B 126 2.01 -13.74 -31.26
N VAL B 127 2.75 -13.64 -30.15
CA VAL B 127 4.04 -13.03 -30.17
C VAL B 127 5.12 -13.96 -29.65
N LYS B 128 4.74 -15.07 -29.04
CA LYS B 128 5.70 -15.97 -28.49
C LYS B 128 5.00 -17.31 -28.24
N SER B 129 5.72 -18.39 -28.52
CA SER B 129 5.26 -19.74 -28.26
C SER B 129 6.38 -20.41 -27.51
N MET B 130 6.10 -20.89 -26.34
CA MET B 130 7.16 -21.59 -25.60
C MET B 130 6.83 -22.99 -25.07
N PRO B 131 7.69 -23.97 -25.37
CA PRO B 131 7.45 -25.26 -24.84
C PRO B 131 7.40 -25.17 -23.32
N THR B 132 6.59 -26.03 -22.72
CA THR B 132 6.51 -26.10 -21.29
C THR B 132 6.46 -27.47 -20.71
N SER B 133 6.82 -27.57 -19.44
CA SER B 133 6.65 -28.79 -18.71
C SER B 133 5.95 -28.36 -17.46
N MET B 134 4.75 -28.83 -17.28
CA MET B 134 3.94 -28.44 -16.14
C MET B 134 3.97 -29.56 -15.12
N GLY B 135 3.06 -29.48 -14.18
CA GLY B 135 2.96 -30.44 -13.11
C GLY B 135 2.86 -31.89 -13.60
N LYS B 136 3.69 -32.76 -13.05
CA LYS B 136 3.62 -34.21 -13.32
C LYS B 136 2.26 -34.74 -12.91
N ASP B 137 1.93 -35.93 -13.42
CA ASP B 137 0.62 -36.47 -13.27
C ASP B 137 0.15 -36.57 -11.80
N SER B 138 1.03 -36.86 -10.86
CA SER B 138 0.61 -36.96 -9.45
C SER B 138 0.53 -35.62 -8.72
N THR B 139 1.15 -34.56 -9.27
CA THR B 139 1.06 -33.20 -8.72
C THR B 139 0.75 -32.25 -9.90
N PRO B 140 -0.48 -32.36 -10.48
CA PRO B 140 -0.67 -31.65 -11.71
C PRO B 140 -0.93 -30.16 -11.46
N THR B 141 -0.69 -29.35 -12.46
CA THR B 141 -0.96 -27.96 -12.40
C THR B 141 -2.48 -27.84 -12.56
N ALA B 142 -3.14 -26.99 -11.77
CA ALA B 142 -4.57 -26.78 -11.89
C ALA B 142 -4.94 -25.95 -13.13
N ASN B 143 -6.02 -26.33 -13.82
CA ASN B 143 -6.55 -25.50 -14.89
C ASN B 143 -7.12 -24.21 -14.33
N GLY B 144 -7.25 -23.22 -15.16
CA GLY B 144 -7.97 -22.02 -14.78
C GLY B 144 -7.32 -20.76 -15.26
N ILE B 145 -7.81 -19.64 -14.76
CA ILE B 145 -7.35 -18.30 -15.12
C ILE B 145 -6.54 -17.77 -13.97
N TYR B 146 -5.29 -17.44 -14.26
CA TYR B 146 -4.36 -16.97 -13.23
C TYR B 146 -4.02 -15.53 -13.53
N ILE B 147 -3.97 -14.69 -12.51
CA ILE B 147 -3.54 -13.32 -12.68
C ILE B 147 -2.04 -13.15 -12.39
N VAL B 148 -1.32 -12.53 -13.31
CA VAL B 148 0.10 -12.27 -13.05
C VAL B 148 0.29 -11.31 -11.86
N GLY B 149 1.16 -11.67 -10.91
CA GLY B 149 1.52 -10.81 -9.82
C GLY B 149 2.96 -10.32 -9.95
N SER B 150 3.75 -10.65 -8.97
CA SER B 150 5.11 -10.13 -8.85
C SER B 150 6.07 -10.88 -9.75
N ARG B 151 7.17 -10.23 -10.09
CA ARG B 151 8.22 -10.88 -10.89
C ARG B 151 9.57 -10.83 -10.17
N TYR B 152 10.39 -11.81 -10.38
CA TYR B 152 11.66 -11.91 -9.69
C TYR B 152 12.77 -12.33 -10.64
N LYS B 153 13.85 -11.58 -10.64
CA LYS B 153 15.01 -11.93 -11.41
C LYS B 153 15.58 -13.24 -10.93
N HIS B 154 15.66 -13.38 -9.62
CA HIS B 154 16.15 -14.55 -8.97
C HIS B 154 15.44 -14.68 -7.64
N ILE B 155 15.16 -15.93 -7.23
CA ILE B 155 14.57 -16.23 -5.91
C ILE B 155 14.79 -17.65 -5.49
N ILE B 156 14.81 -17.89 -4.16
CA ILE B 156 14.91 -19.20 -3.68
C ILE B 156 13.48 -19.67 -3.54
N MET B 157 13.17 -20.72 -4.26
CA MET B 157 11.84 -21.27 -4.28
C MET B 157 11.90 -22.32 -3.17
N ASP B 158 11.18 -22.09 -2.10
CA ASP B 158 11.21 -22.95 -0.93
C ASP B 158 9.78 -23.33 -0.58
N SER B 159 9.45 -24.63 -0.61
CA SER B 159 8.11 -25.01 -0.38
C SER B 159 7.69 -24.74 1.10
N SER B 160 8.64 -24.61 2.04
CA SER B 160 8.25 -24.33 3.43
C SER B 160 7.56 -22.95 3.59
N THR B 161 7.81 -22.04 2.65
CA THR B 161 7.08 -20.77 2.56
C THR B 161 5.58 -21.05 2.49
N TYR B 162 5.21 -22.12 1.78
CA TYR B 162 3.78 -22.43 1.61
C TYR B 162 3.35 -23.58 2.48
N GLY B 163 4.05 -23.81 3.60
CA GLY B 163 3.62 -24.80 4.59
C GLY B 163 3.95 -26.24 4.17
N VAL B 164 4.91 -26.46 3.28
CA VAL B 164 5.23 -27.82 2.87
C VAL B 164 6.70 -28.03 3.12
N PRO B 165 7.05 -28.95 4.04
CA PRO B 165 8.45 -29.10 4.31
C PRO B 165 9.25 -29.52 3.07
N VAL B 166 10.43 -28.98 2.98
CA VAL B 166 11.35 -29.28 1.93
C VAL B 166 11.61 -30.77 1.74
N ASN B 167 11.63 -31.54 2.81
CA ASN B 167 11.91 -32.99 2.70
C ASN B 167 10.63 -33.84 2.72
N SER B 168 9.51 -33.26 2.30
CA SER B 168 8.28 -34.00 2.17
C SER B 168 8.05 -34.34 0.66
N PRO B 169 7.03 -35.18 0.33
CA PRO B 169 6.93 -35.63 -1.10
C PRO B 169 7.01 -34.55 -2.24
N ASN B 170 6.14 -33.55 -2.25
CA ASN B 170 6.19 -32.51 -3.24
C ASN B 170 6.92 -31.26 -2.71
N GLY B 171 7.85 -31.38 -1.76
CA GLY B 171 8.66 -30.24 -1.30
C GLY B 171 9.79 -29.86 -2.19
N TYR B 172 10.41 -28.71 -1.91
CA TYR B 172 11.51 -28.23 -2.74
C TYR B 172 12.23 -27.07 -2.08
N ARG B 173 13.49 -26.91 -2.39
CA ARG B 173 14.23 -25.71 -2.06
C ARG B 173 15.29 -25.53 -3.11
N THR B 174 15.14 -24.56 -3.99
CA THR B 174 16.07 -24.40 -5.06
C THR B 174 16.08 -23.00 -5.63
N ASP B 175 17.19 -22.60 -6.21
CA ASP B 175 17.33 -21.26 -6.73
C ASP B 175 16.76 -21.22 -8.15
N VAL B 176 15.96 -20.21 -8.45
CA VAL B 176 15.37 -20.13 -9.78
C VAL B 176 15.48 -18.73 -10.33
N ASP B 177 15.78 -18.60 -11.61
CA ASP B 177 15.79 -17.33 -12.27
C ASP B 177 14.47 -17.01 -13.00
N TRP B 178 14.25 -15.76 -13.22
CA TRP B 178 13.23 -15.26 -14.07
C TRP B 178 11.87 -15.85 -13.75
N ALA B 179 11.41 -15.62 -12.53
CA ALA B 179 10.17 -16.19 -12.05
C ALA B 179 9.06 -15.12 -12.03
N THR B 180 7.96 -15.40 -12.72
CA THR B 180 6.78 -14.55 -12.74
C THR B 180 5.69 -15.27 -11.99
N GLN B 181 5.19 -14.67 -10.93
CA GLN B 181 4.23 -15.35 -10.03
C GLN B 181 2.84 -15.23 -10.63
N ILE B 182 2.14 -16.35 -10.68
CA ILE B 182 0.75 -16.41 -11.13
C ILE B 182 -0.26 -16.96 -10.13
N SER B 183 0.17 -17.35 -8.92
CA SER B 183 -0.78 -17.65 -7.85
C SER B 183 -0.13 -17.38 -6.46
N TYR B 184 -0.97 -17.09 -5.49
CA TYR B 184 -0.44 -16.85 -4.13
C TYR B 184 -0.02 -18.13 -3.53
N SER B 185 -0.50 -19.22 -4.05
CA SER B 185 -0.15 -20.46 -3.56
C SER B 185 1.22 -20.90 -4.09
N GLY B 186 1.85 -20.09 -4.91
CA GLY B 186 3.23 -20.34 -5.36
C GLY B 186 3.42 -20.94 -6.74
N VAL B 187 2.44 -20.85 -7.66
CA VAL B 187 2.68 -21.29 -9.04
C VAL B 187 3.35 -20.14 -9.77
N PHE B 188 4.41 -20.44 -10.52
CA PHE B 188 5.15 -19.43 -11.30
C PHE B 188 5.41 -19.94 -12.72
N VAL B 189 5.58 -19.02 -13.65
CA VAL B 189 6.30 -19.35 -14.93
C VAL B 189 7.73 -18.97 -14.60
N HIS B 190 8.65 -19.86 -14.90
CA HIS B 190 10.04 -19.66 -14.48
C HIS B 190 11.03 -20.46 -15.33
N SER B 191 12.28 -20.05 -15.23
CA SER B 191 13.41 -20.75 -15.87
C SER B 191 13.64 -22.07 -15.25
N ALA B 192 13.80 -23.10 -16.05
CA ALA B 192 13.97 -24.46 -15.55
C ALA B 192 14.95 -25.20 -16.47
N PRO B 193 16.25 -24.89 -16.31
CA PRO B 193 17.27 -25.50 -17.20
C PRO B 193 17.31 -27.01 -17.10
N TRP B 194 16.93 -27.54 -15.96
CA TRP B 194 16.98 -28.95 -15.72
C TRP B 194 15.95 -29.77 -16.47
N SER B 195 14.98 -29.13 -17.12
CA SER B 195 13.95 -29.90 -17.81
C SER B 195 13.74 -29.40 -19.23
N VAL B 196 14.74 -28.75 -19.82
CA VAL B 196 14.57 -28.22 -21.16
C VAL B 196 14.23 -29.33 -22.14
N GLY B 197 14.77 -30.52 -21.90
CA GLY B 197 14.52 -31.70 -22.69
C GLY B 197 13.07 -32.12 -22.63
N ALA B 198 12.50 -32.14 -21.43
CA ALA B 198 11.07 -32.48 -21.27
C ALA B 198 10.09 -31.45 -21.77
N GLN B 199 10.50 -30.19 -21.76
CA GLN B 199 9.64 -29.08 -22.14
C GLN B 199 9.03 -29.28 -23.53
N GLY B 200 7.70 -29.30 -23.63
CA GLY B 200 7.03 -29.51 -24.90
C GLY B 200 6.73 -30.98 -25.09
N HIS B 201 7.04 -31.81 -24.13
CA HIS B 201 6.88 -33.27 -24.31
C HIS B 201 6.34 -33.97 -23.10
N THR B 202 6.93 -33.71 -21.95
CA THR B 202 6.64 -34.44 -20.74
C THR B 202 6.44 -33.46 -19.58
N ASN B 203 5.49 -33.78 -18.69
CA ASN B 203 5.24 -32.96 -17.50
C ASN B 203 6.10 -33.50 -16.37
N THR B 204 6.92 -32.68 -15.77
CA THR B 204 7.81 -33.11 -14.68
C THR B 204 7.87 -32.25 -13.42
N SER B 205 7.16 -31.11 -13.38
CA SER B 205 7.28 -30.16 -12.27
C SER B 205 6.44 -30.50 -11.05
N HIS B 206 6.60 -29.66 -10.05
CA HIS B 206 5.78 -29.71 -8.89
C HIS B 206 4.42 -28.95 -9.07
N GLY B 207 4.24 -28.32 -10.22
CA GLY B 207 3.04 -27.56 -10.48
C GLY B 207 3.31 -26.25 -11.22
N CYS B 208 4.55 -25.76 -11.16
CA CYS B 208 4.91 -24.59 -11.88
C CYS B 208 5.06 -24.84 -13.35
N LEU B 209 5.05 -23.78 -14.08
CA LEU B 209 5.23 -23.88 -15.52
C LEU B 209 6.70 -23.69 -15.85
N ASN B 210 7.39 -24.81 -16.00
CA ASN B 210 8.79 -24.81 -16.41
C ASN B 210 8.90 -24.38 -17.88
N VAL B 211 9.71 -23.36 -18.18
CA VAL B 211 10.08 -23.04 -19.51
C VAL B 211 11.59 -22.84 -19.60
N SER B 212 12.06 -22.52 -20.80
CA SER B 212 13.52 -22.45 -21.00
C SER B 212 14.00 -21.11 -20.43
N PRO B 213 15.34 -21.01 -20.16
CA PRO B 213 15.87 -19.76 -19.67
C PRO B 213 15.53 -18.58 -20.48
N SER B 214 15.73 -18.66 -21.79
CA SER B 214 15.45 -17.47 -22.59
C SER B 214 13.96 -17.12 -22.61
N ASN B 215 13.10 -18.12 -22.65
CA ASN B 215 11.66 -17.84 -22.67
C ASN B 215 11.16 -17.23 -21.33
N ALA B 216 11.70 -17.75 -20.24
CA ALA B 216 11.33 -17.23 -18.92
C ALA B 216 11.73 -15.79 -18.79
N GLN B 217 12.90 -15.44 -19.34
CA GLN B 217 13.38 -14.08 -19.26
C GLN B 217 12.48 -13.24 -20.12
N TRP B 218 12.09 -13.74 -21.29
CA TRP B 218 11.19 -12.98 -22.20
C TRP B 218 9.87 -12.74 -21.42
N PHE B 219 9.39 -13.78 -20.78
CA PHE B 219 8.15 -13.66 -19.98
C PHE B 219 8.27 -12.57 -18.93
N TYR B 220 9.35 -12.63 -18.15
CA TYR B 220 9.65 -11.61 -17.16
C TYR B 220 9.73 -10.21 -17.73
N ASP B 221 10.39 -10.04 -18.86
CA ASP B 221 10.54 -8.72 -19.46
C ASP B 221 9.30 -8.15 -20.10
N HIS B 222 8.36 -9.01 -20.48
CA HIS B 222 7.19 -8.51 -21.25
C HIS B 222 5.86 -8.62 -20.62
N VAL B 223 5.72 -9.41 -19.57
CA VAL B 223 4.44 -9.50 -18.88
C VAL B 223 4.43 -8.59 -17.69
N LYS B 224 3.24 -8.08 -17.35
CA LYS B 224 3.11 -7.12 -16.26
C LYS B 224 1.98 -7.55 -15.31
N ARG B 225 2.03 -7.03 -14.09
CA ARG B 225 0.99 -7.27 -13.14
C ARG B 225 -0.37 -7.13 -13.78
N GLY B 226 -1.24 -8.11 -13.54
CA GLY B 226 -2.59 -8.03 -14.10
C GLY B 226 -2.74 -8.69 -15.44
N ASP B 227 -1.65 -9.05 -16.09
CA ASP B 227 -1.80 -9.79 -17.36
C ASP B 227 -2.37 -11.19 -16.99
N ILE B 228 -2.72 -12.01 -17.97
CA ILE B 228 -3.43 -13.28 -17.73
C ILE B 228 -2.68 -14.47 -18.22
N VAL B 229 -2.66 -15.54 -17.40
CA VAL B 229 -2.23 -16.85 -17.81
C VAL B 229 -3.39 -17.80 -17.64
N GLU B 230 -3.80 -18.48 -18.70
CA GLU B 230 -4.85 -19.49 -18.60
C GLU B 230 -4.19 -20.83 -18.85
N VAL B 231 -4.41 -21.78 -17.97
CA VAL B 231 -3.96 -23.13 -18.10
C VAL B 231 -5.14 -23.92 -18.51
N VAL B 232 -4.96 -24.76 -19.53
CA VAL B 232 -6.07 -25.57 -19.99
C VAL B 232 -5.63 -27.00 -20.33
N ASN B 233 -6.55 -27.94 -20.22
CA ASN B 233 -6.32 -29.33 -20.58
C ASN B 233 -5.46 -30.18 -19.68
N THR B 234 -5.08 -29.68 -18.52
CA THR B 234 -4.28 -30.49 -17.63
C THR B 234 -5.20 -31.57 -17.01
N VAL B 235 -4.57 -32.50 -16.29
CA VAL B 235 -5.36 -33.50 -15.56
C VAL B 235 -5.66 -33.07 -14.18
N GLY B 236 -5.46 -31.79 -13.86
CA GLY B 236 -5.60 -31.31 -12.52
C GLY B 236 -6.98 -30.77 -12.16
N GLY B 237 -7.00 -30.02 -11.06
CA GLY B 237 -8.22 -29.38 -10.53
C GLY B 237 -8.32 -27.98 -11.15
N THR B 238 -8.88 -27.06 -10.39
CA THR B 238 -9.09 -25.67 -10.77
C THR B 238 -8.53 -24.77 -9.74
N LEU B 239 -7.82 -23.77 -10.18
CA LEU B 239 -7.30 -22.77 -9.26
C LEU B 239 -8.40 -22.16 -8.39
N PRO B 240 -8.24 -22.21 -7.08
CA PRO B 240 -9.33 -21.63 -6.27
C PRO B 240 -9.55 -20.18 -6.56
N GLY B 241 -10.81 -19.78 -6.59
CA GLY B 241 -11.15 -18.39 -6.71
C GLY B 241 -10.70 -17.42 -5.67
N ILE B 242 -10.41 -17.90 -4.46
CA ILE B 242 -9.91 -17.01 -3.42
C ILE B 242 -8.45 -17.22 -3.16
N ASP B 243 -7.73 -17.74 -4.15
CA ASP B 243 -6.28 -17.86 -4.07
C ASP B 243 -5.62 -16.58 -3.70
N GLY B 244 -6.05 -15.45 -4.30
CA GLY B 244 -5.36 -14.19 -4.22
C GLY B 244 -5.11 -13.67 -5.64
N LEU B 245 -4.87 -14.58 -6.58
CA LEU B 245 -4.71 -14.25 -7.99
C LEU B 245 -5.64 -15.11 -8.84
N GLY B 246 -6.67 -15.70 -8.21
CA GLY B 246 -7.58 -16.61 -8.94
C GLY B 246 -9.00 -16.07 -9.11
N ASP B 247 -9.15 -14.78 -8.98
CA ASP B 247 -10.46 -14.14 -8.93
C ASP B 247 -11.37 -14.50 -10.09
N TRP B 248 -10.82 -14.66 -11.31
CA TRP B 248 -11.60 -14.90 -12.48
C TRP B 248 -12.16 -16.31 -12.57
N ASN B 249 -11.76 -17.22 -11.68
CA ASN B 249 -12.32 -18.57 -11.71
C ASN B 249 -13.68 -18.65 -11.00
N ILE B 250 -14.05 -17.59 -10.29
CA ILE B 250 -15.43 -17.44 -9.77
C ILE B 250 -16.32 -16.92 -10.86
N PRO B 251 -17.37 -17.68 -11.21
CA PRO B 251 -18.20 -17.09 -12.32
C PRO B 251 -18.85 -15.76 -11.97
N TRP B 252 -19.18 -14.94 -12.95
CA TRP B 252 -19.66 -13.58 -12.68
C TRP B 252 -20.99 -13.63 -11.90
N ASP B 253 -21.87 -14.61 -12.19
CA ASP B 253 -23.14 -14.66 -11.47
C ASP B 253 -22.92 -14.78 -9.99
N GLN B 254 -21.95 -15.58 -9.60
CA GLN B 254 -21.63 -15.72 -8.16
C GLN B 254 -20.82 -14.51 -7.62
N TRP B 255 -19.83 -14.05 -8.36
CA TRP B 255 -19.03 -12.90 -7.93
C TRP B 255 -19.95 -11.67 -7.64
N ARG B 256 -20.81 -11.36 -8.58
CA ARG B 256 -21.69 -10.21 -8.52
C ARG B 256 -22.60 -10.27 -7.32
N ALA B 257 -23.12 -11.43 -7.03
CA ALA B 257 -24.00 -11.61 -5.89
C ALA B 257 -23.25 -11.35 -4.62
N GLY B 258 -21.93 -11.62 -4.61
CA GLY B 258 -21.07 -11.14 -3.52
C GLY B 258 -21.08 -12.00 -2.29
N ASN B 259 -20.40 -11.57 -1.26
CA ASN B 259 -20.45 -12.29 0.00
C ASN B 259 -20.40 -11.31 1.17
N ALA B 260 -21.07 -10.19 1.02
CA ALA B 260 -20.96 -9.15 2.02
C ALA B 260 -21.69 -9.52 3.34
N LYS B 261 -22.44 -10.61 3.34
CA LYS B 261 -23.05 -11.11 4.57
C LYS B 261 -22.38 -12.38 4.98
CAI QU5 C . -14.98 20.97 16.27
OAH QU5 C . -14.05 21.65 15.50
CAE QU5 C . -12.91 20.97 15.14
CAD QU5 C . -12.31 21.45 14.00
CAC QU5 C . -11.16 20.85 13.56
CAB QU5 C . -10.59 19.80 14.22
SAG QU5 C . -9.15 19.20 13.51
CAA QU5 C . -11.15 19.30 15.37
CAF QU5 C . -12.33 19.89 15.83
CAI QU5 D . 12.01 -27.50 -8.58
OAH QU5 D . 11.44 -26.68 -7.59
CAE QU5 D . 10.62 -25.67 -8.06
CAD QU5 D . 9.50 -25.46 -7.32
CAC QU5 D . 8.59 -24.48 -7.65
CAB QU5 D . 8.79 -23.69 -8.73
SAG QU5 D . 7.50 -22.35 -9.09
CAA QU5 D . 9.91 -23.87 -9.49
CAF QU5 D . 10.83 -24.86 -9.16
#